data_1GSU
#
_entry.id   1GSU
#
_cell.length_a   61.300
_cell.length_b   88.000
_cell.length_c   93.500
_cell.angle_alpha   90.00
_cell.angle_beta   90.00
_cell.angle_gamma   90.00
#
_symmetry.space_group_name_H-M   'P 21 21 21'
#
loop_
_entity.id
_entity.type
_entity.pdbx_description
1 polymer 'CLASS-MU GLUTATHIONE S-TRANSFERASE'
2 non-polymer S-HEXYLGLUTATHIONE
3 water water
#
_entity_poly.entity_id   1
_entity_poly.type   'polypeptide(L)'
_entity_poly.pdbx_seq_one_letter_code
;VVTLGYWDIRGLAHAIRLLLEYTETPYQERRYKAGPAPDFDPSDWTNEKEKLGLDFPNLPYLIDGDVKLTQSNAILRYIA
RKHNMCGETEVEKQRVDVLENHLMDLRMAFARLCYSPDFEKLKPAYLEQLPGKLRQLSRFLGSRSWFVGDKLTFVDFLAY
DVLDQQRMFVPDCPELQGNLSQFLQRFEALEKISAYMRSGRFMKAPIFWYTALWNNKKE
;
_entity_poly.pdbx_strand_id   A,B
#
# COMPACT_ATOMS: atom_id res chain seq x y z
N VAL A 1 22.07 -6.76 -16.95
CA VAL A 1 21.16 -7.47 -16.03
C VAL A 1 20.69 -6.50 -14.97
N VAL A 2 19.52 -6.76 -14.43
CA VAL A 2 18.93 -5.94 -13.40
C VAL A 2 19.17 -6.81 -12.18
N THR A 3 19.24 -6.19 -11.01
CA THR A 3 19.46 -6.88 -9.74
C THR A 3 18.25 -6.76 -8.81
N LEU A 4 17.75 -7.88 -8.33
CA LEU A 4 16.63 -7.90 -7.39
C LEU A 4 17.21 -8.35 -6.04
N GLY A 5 17.02 -7.56 -5.00
CA GLY A 5 17.52 -7.94 -3.70
C GLY A 5 16.38 -8.19 -2.76
N TYR A 6 16.40 -9.33 -2.07
CA TYR A 6 15.36 -9.71 -1.10
C TYR A 6 15.93 -10.89 -0.35
N TRP A 7 15.30 -11.26 0.76
CA TRP A 7 15.74 -12.37 1.58
C TRP A 7 15.64 -13.67 0.77
N ASP A 8 16.42 -14.69 1.10
CA ASP A 8 16.31 -15.94 0.33
C ASP A 8 15.05 -16.61 0.84
N ILE A 9 13.90 -16.05 0.48
CA ILE A 9 12.61 -16.53 0.93
C ILE A 9 11.61 -16.05 -0.11
N ARG A 10 10.44 -16.69 -0.17
CA ARG A 10 9.41 -16.31 -1.13
C ARG A 10 8.90 -14.90 -0.89
N GLY A 11 8.08 -14.74 0.15
CA GLY A 11 7.54 -13.44 0.53
C GLY A 11 7.08 -12.44 -0.54
N LEU A 12 7.33 -11.15 -0.28
CA LEU A 12 6.95 -10.05 -1.16
C LEU A 12 7.66 -10.02 -2.51
N ALA A 13 8.64 -10.89 -2.72
CA ALA A 13 9.39 -10.90 -3.98
C ALA A 13 8.90 -11.88 -5.03
N HIS A 14 8.01 -12.80 -4.64
CA HIS A 14 7.48 -13.79 -5.56
C HIS A 14 6.95 -13.16 -6.85
N ALA A 15 6.01 -12.23 -6.72
CA ALA A 15 5.44 -11.61 -7.88
C ALA A 15 6.44 -10.88 -8.72
N ILE A 16 7.50 -10.35 -8.09
CA ILE A 16 8.52 -9.61 -8.83
C ILE A 16 9.40 -10.56 -9.63
N ARG A 17 9.70 -11.73 -9.07
CA ARG A 17 10.55 -12.70 -9.74
C ARG A 17 9.81 -13.31 -10.94
N LEU A 18 8.51 -13.51 -10.78
CA LEU A 18 7.67 -14.05 -11.86
C LEU A 18 7.49 -13.06 -13.00
N LEU A 19 7.33 -11.79 -12.66
CA LEU A 19 7.16 -10.75 -13.67
C LEU A 19 8.46 -10.57 -14.42
N LEU A 20 9.57 -10.57 -13.69
CA LEU A 20 10.91 -10.46 -14.26
C LEU A 20 11.12 -11.61 -15.24
N GLU A 21 10.68 -12.80 -14.84
CA GLU A 21 10.80 -14.00 -15.66
C GLU A 21 9.89 -13.99 -16.92
N TYR A 22 8.65 -13.54 -16.75
CA TYR A 22 7.71 -13.50 -17.86
C TYR A 22 8.07 -12.47 -18.91
N THR A 23 8.35 -11.24 -18.47
CA THR A 23 8.73 -10.15 -19.37
C THR A 23 10.13 -10.33 -19.96
N GLU A 24 10.77 -11.46 -19.64
CA GLU A 24 12.12 -11.80 -20.12
C GLU A 24 13.21 -10.82 -19.71
N THR A 25 13.09 -10.24 -18.51
CA THR A 25 14.10 -9.29 -18.07
C THR A 25 15.33 -9.96 -17.57
N PRO A 26 16.50 -9.63 -18.16
CA PRO A 26 17.77 -10.23 -17.74
C PRO A 26 18.04 -9.78 -16.30
N TYR A 27 18.13 -10.73 -15.37
CA TYR A 27 18.35 -10.36 -13.98
C TYR A 27 19.13 -11.32 -13.15
N GLN A 28 19.61 -10.82 -12.02
CA GLN A 28 20.36 -11.60 -11.07
C GLN A 28 19.74 -11.29 -9.72
N GLU A 29 19.99 -12.12 -8.74
CA GLU A 29 19.41 -11.86 -7.44
C GLU A 29 20.39 -11.78 -6.31
N ARG A 30 20.09 -10.93 -5.36
CA ARG A 30 20.91 -10.86 -4.19
C ARG A 30 19.95 -11.39 -3.18
N ARG A 31 20.15 -12.65 -2.78
CA ARG A 31 19.29 -13.30 -1.79
C ARG A 31 19.98 -13.34 -0.44
N TYR A 32 19.68 -12.38 0.42
CA TYR A 32 20.27 -12.28 1.75
C TYR A 32 19.87 -13.42 2.65
N LYS A 33 20.88 -14.14 3.13
CA LYS A 33 20.74 -15.30 4.01
C LYS A 33 20.77 -14.95 5.47
N ALA A 34 20.26 -15.85 6.31
CA ALA A 34 20.23 -15.66 7.77
C ALA A 34 21.43 -16.36 8.39
N GLY A 35 21.57 -16.29 9.71
CA GLY A 35 22.70 -16.93 10.36
C GLY A 35 22.47 -17.88 11.53
N PRO A 36 22.85 -17.47 12.76
CA PRO A 36 22.66 -18.32 13.93
C PRO A 36 21.24 -18.42 14.53
N ALA A 37 20.56 -19.53 14.26
CA ALA A 37 19.23 -19.74 14.85
C ALA A 37 19.49 -19.93 16.37
N PRO A 38 18.57 -19.45 17.21
CA PRO A 38 17.30 -18.79 16.91
C PRO A 38 17.34 -17.34 17.39
N ASP A 39 18.34 -16.58 16.94
CA ASP A 39 18.47 -15.20 17.41
C ASP A 39 18.29 -14.00 16.46
N PHE A 40 17.69 -14.23 15.30
CA PHE A 40 17.49 -13.14 14.34
C PHE A 40 18.86 -12.55 14.02
N ASP A 41 19.39 -12.93 12.86
CA ASP A 41 20.72 -12.53 12.43
C ASP A 41 20.67 -11.94 11.02
N PRO A 42 20.08 -10.73 10.88
CA PRO A 42 19.94 -10.03 9.61
C PRO A 42 21.22 -9.44 9.04
N SER A 43 22.31 -9.60 9.78
CA SER A 43 23.64 -9.08 9.44
C SER A 43 24.06 -9.06 7.97
N ASP A 44 23.74 -10.13 7.23
CA ASP A 44 24.09 -10.24 5.81
C ASP A 44 23.50 -9.04 5.06
N TRP A 45 22.27 -8.69 5.41
CA TRP A 45 21.55 -7.58 4.83
C TRP A 45 21.93 -6.28 5.52
N THR A 46 21.95 -6.33 6.84
CA THR A 46 22.31 -5.22 7.70
C THR A 46 23.68 -4.61 7.40
N ASN A 47 24.65 -5.45 7.03
CA ASN A 47 26.01 -5.03 6.69
C ASN A 47 26.00 -4.37 5.31
N GLU A 48 24.87 -4.45 4.62
CA GLU A 48 24.77 -3.91 3.28
C GLU A 48 23.67 -2.87 3.04
N LYS A 49 22.68 -2.83 3.92
CA LYS A 49 21.55 -1.90 3.79
C LYS A 49 21.88 -0.44 3.53
N GLU A 50 22.80 0.14 4.30
CA GLU A 50 23.13 1.53 4.17
C GLU A 50 24.31 1.82 3.27
N LYS A 51 24.57 0.96 2.28
CA LYS A 51 25.71 1.16 1.40
C LYS A 51 25.37 0.86 -0.06
N LEU A 52 24.10 1.01 -0.44
CA LEU A 52 23.72 0.73 -1.80
C LEU A 52 23.28 1.97 -2.55
N GLY A 53 23.20 3.09 -1.86
CA GLY A 53 22.76 4.32 -2.51
C GLY A 53 21.26 4.43 -2.71
N LEU A 54 20.49 3.69 -1.92
CA LEU A 54 19.03 3.69 -2.01
C LEU A 54 18.54 4.86 -1.19
N ASP A 55 17.43 5.49 -1.60
CA ASP A 55 16.93 6.66 -0.87
C ASP A 55 16.18 6.32 0.38
N PHE A 56 15.46 5.20 0.35
CA PHE A 56 14.68 4.68 1.48
C PHE A 56 15.04 3.17 1.48
N PRO A 57 16.22 2.80 2.03
CA PRO A 57 16.64 1.39 2.07
C PRO A 57 15.56 0.44 2.55
N ASN A 58 15.45 -0.73 1.93
CA ASN A 58 14.42 -1.67 2.35
C ASN A 58 14.54 -2.90 1.48
N LEU A 59 13.72 -3.90 1.77
CA LEU A 59 13.68 -5.13 0.97
C LEU A 59 12.21 -5.38 0.59
N PRO A 60 11.95 -5.66 -0.70
CA PRO A 60 12.95 -5.74 -1.76
C PRO A 60 13.36 -4.46 -2.46
N TYR A 61 14.48 -4.53 -3.17
CA TYR A 61 14.99 -3.41 -3.94
C TYR A 61 15.39 -3.97 -5.31
N LEU A 62 15.55 -3.09 -6.29
CA LEU A 62 15.94 -3.48 -7.64
C LEU A 62 16.85 -2.40 -8.17
N ILE A 63 18.01 -2.79 -8.71
CA ILE A 63 18.98 -1.84 -9.26
C ILE A 63 19.03 -2.10 -10.78
N ASP A 64 18.86 -1.03 -11.55
CA ASP A 64 18.85 -1.10 -13.00
C ASP A 64 19.59 0.15 -13.48
N GLY A 65 20.91 0.04 -13.54
CA GLY A 65 21.72 1.18 -13.96
C GLY A 65 21.62 2.14 -12.81
N ASP A 66 21.26 3.38 -13.11
CA ASP A 66 21.10 4.39 -12.08
C ASP A 66 19.71 4.42 -11.46
N VAL A 67 18.86 3.46 -11.83
CA VAL A 67 17.52 3.38 -11.28
C VAL A 67 17.63 2.47 -10.08
N LYS A 68 17.34 3.01 -8.92
CA LYS A 68 17.39 2.26 -7.70
C LYS A 68 16.07 2.45 -6.99
N LEU A 69 15.29 1.37 -6.89
CA LEU A 69 14.00 1.45 -6.26
C LEU A 69 13.82 0.49 -5.12
N THR A 70 12.96 0.88 -4.21
CA THR A 70 12.56 0.04 -3.08
C THR A 70 11.06 0.20 -3.13
N GLN A 71 10.34 -0.69 -2.44
CA GLN A 71 8.86 -0.70 -2.38
C GLN A 71 8.37 -1.60 -3.52
N SER A 72 8.08 -2.83 -3.16
CA SER A 72 7.65 -3.88 -4.09
C SER A 72 6.63 -3.43 -5.14
N ASN A 73 5.62 -2.68 -4.74
CA ASN A 73 4.62 -2.24 -5.71
C ASN A 73 5.23 -1.32 -6.78
N ALA A 74 6.19 -0.51 -6.36
CA ALA A 74 6.90 0.46 -7.19
C ALA A 74 7.84 -0.24 -8.16
N ILE A 75 8.40 -1.37 -7.73
CA ILE A 75 9.29 -2.15 -8.56
C ILE A 75 8.42 -2.77 -9.66
N LEU A 76 7.25 -3.27 -9.29
CA LEU A 76 6.32 -3.88 -10.25
C LEU A 76 5.87 -2.89 -11.32
N ARG A 77 5.36 -1.76 -10.88
CA ARG A 77 4.95 -0.71 -11.78
C ARG A 77 6.11 -0.29 -12.64
N TYR A 78 7.33 -0.41 -12.15
CA TYR A 78 8.48 -0.03 -12.96
C TYR A 78 8.69 -1.04 -14.07
N ILE A 79 8.74 -2.33 -13.71
CA ILE A 79 8.91 -3.40 -14.71
C ILE A 79 7.71 -3.37 -15.71
N ALA A 80 6.50 -3.31 -15.17
CA ALA A 80 5.30 -3.31 -15.96
C ALA A 80 5.23 -2.19 -16.99
N ARG A 81 5.71 -1.00 -16.64
CA ARG A 81 5.68 0.13 -17.58
C ARG A 81 6.55 -0.08 -18.82
N LYS A 82 7.61 -0.87 -18.70
CA LYS A 82 8.51 -1.11 -19.82
C LYS A 82 7.92 -2.12 -20.79
N HIS A 83 6.77 -2.70 -20.44
CA HIS A 83 6.13 -3.71 -21.29
C HIS A 83 4.63 -3.46 -21.35
N ASN A 84 4.24 -2.24 -21.06
CA ASN A 84 2.84 -1.84 -21.07
C ASN A 84 1.97 -2.88 -20.40
N MET A 85 2.27 -3.20 -19.14
CA MET A 85 1.50 -4.18 -18.41
C MET A 85 0.77 -3.56 -17.24
N CYS A 86 0.48 -2.27 -17.43
CA CYS A 86 -0.28 -1.47 -16.51
C CYS A 86 -1.58 -1.29 -17.31
N GLY A 87 -2.56 -0.56 -16.79
CA GLY A 87 -3.78 -0.40 -17.58
C GLY A 87 -3.56 0.46 -18.82
N GLU A 88 -4.58 0.63 -19.63
CA GLU A 88 -4.42 1.47 -20.82
C GLU A 88 -5.61 2.41 -20.82
N THR A 89 -6.77 1.82 -20.67
CA THR A 89 -7.99 2.60 -20.59
C THR A 89 -8.13 3.07 -19.14
N GLU A 90 -8.96 4.08 -18.91
CA GLU A 90 -9.19 4.60 -17.56
C GLU A 90 -9.80 3.54 -16.64
N VAL A 91 -10.81 2.84 -17.12
CA VAL A 91 -11.43 1.78 -16.35
C VAL A 91 -10.44 0.66 -16.00
N GLU A 92 -9.49 0.37 -16.89
CA GLU A 92 -8.52 -0.70 -16.59
C GLU A 92 -7.57 -0.22 -15.47
N LYS A 93 -7.24 1.07 -15.52
CA LYS A 93 -6.36 1.71 -14.55
C LYS A 93 -7.01 1.73 -13.16
N GLN A 94 -8.31 2.00 -13.10
CA GLN A 94 -9.05 2.00 -11.85
C GLN A 94 -9.02 0.57 -11.32
N ARG A 95 -9.31 -0.42 -12.17
CA ARG A 95 -9.28 -1.83 -11.71
C ARG A 95 -7.90 -2.22 -11.17
N VAL A 96 -6.84 -1.71 -11.80
CA VAL A 96 -5.46 -1.96 -11.35
C VAL A 96 -5.20 -1.29 -10.01
N ASP A 97 -5.55 0.00 -9.89
CA ASP A 97 -5.32 0.71 -8.65
C ASP A 97 -6.03 0.10 -7.45
N VAL A 98 -7.32 -0.14 -7.59
CA VAL A 98 -8.14 -0.72 -6.53
C VAL A 98 -7.65 -2.08 -6.04
N LEU A 99 -7.26 -2.95 -6.97
CA LEU A 99 -6.81 -4.31 -6.59
C LEU A 99 -5.38 -4.39 -6.03
N GLU A 100 -4.47 -3.61 -6.58
CA GLU A 100 -3.08 -3.62 -6.12
C GLU A 100 -3.12 -3.28 -4.63
N ASN A 101 -3.94 -2.29 -4.31
CA ASN A 101 -4.14 -1.82 -2.94
C ASN A 101 -4.91 -2.84 -2.07
N HIS A 102 -5.98 -3.41 -2.61
CA HIS A 102 -6.81 -4.39 -1.88
C HIS A 102 -6.01 -5.67 -1.60
N LEU A 103 -5.28 -6.15 -2.60
CA LEU A 103 -4.47 -7.36 -2.47
C LEU A 103 -3.39 -7.20 -1.41
N MET A 104 -2.96 -5.96 -1.17
CA MET A 104 -1.96 -5.70 -0.13
C MET A 104 -2.65 -5.84 1.23
N ASP A 105 -4.02 -5.19 1.34
CA ASP A 105 -4.72 -5.35 2.62
C ASP A 105 -4.83 -6.84 2.98
N LEU A 106 -5.14 -7.80 1.99
CA LEU A 106 -5.28 -9.24 2.27
C LEU A 106 -3.94 -9.90 2.54
N ARG A 107 -2.86 -9.37 1.95
CA ARG A 107 -1.53 -9.93 2.14
C ARG A 107 -1.10 -9.65 3.57
N MET A 108 -1.32 -8.42 4.01
CA MET A 108 -0.97 -8.01 5.36
C MET A 108 -1.79 -8.77 6.40
N ALA A 109 -3.10 -8.92 6.16
CA ALA A 109 -3.95 -9.66 7.09
C ALA A 109 -3.34 -11.04 7.35
N PHE A 110 -3.04 -11.75 6.26
CA PHE A 110 -2.45 -13.08 6.33
C PHE A 110 -1.09 -13.05 7.00
N ALA A 111 -0.26 -12.08 6.61
CA ALA A 111 1.06 -11.93 7.17
C ALA A 111 0.98 -11.80 8.68
N ARG A 112 0.11 -10.89 9.13
CA ARG A 112 -0.14 -10.60 10.55
C ARG A 112 -0.43 -11.88 11.32
N LEU A 113 -1.24 -12.73 10.71
CA LEU A 113 -1.65 -14.01 11.28
C LEU A 113 -0.52 -15.02 11.45
N CYS A 114 0.10 -15.42 10.34
CA CYS A 114 1.17 -16.39 10.39
C CYS A 114 2.38 -15.91 11.21
N TYR A 115 2.35 -14.64 11.63
CA TYR A 115 3.44 -14.07 12.42
C TYR A 115 3.16 -13.99 13.90
N SER A 116 1.90 -13.82 14.26
CA SER A 116 1.52 -13.73 15.64
C SER A 116 1.77 -15.00 16.43
N PRO A 117 2.18 -14.86 17.70
CA PRO A 117 2.44 -15.99 18.58
C PRO A 117 1.08 -16.64 18.91
N ASP A 118 0.02 -15.88 18.69
CA ASP A 118 -1.35 -16.36 18.92
C ASP A 118 -2.00 -16.91 17.65
N PHE A 119 -1.19 -17.44 16.74
CA PHE A 119 -1.66 -18.00 15.47
C PHE A 119 -2.86 -18.93 15.61
N GLU A 120 -2.70 -20.02 16.36
CA GLU A 120 -3.76 -21.01 16.56
C GLU A 120 -5.03 -20.42 17.18
N LYS A 121 -4.86 -19.34 17.93
CA LYS A 121 -5.97 -18.67 18.58
C LYS A 121 -6.68 -17.78 17.56
N LEU A 122 -5.90 -17.24 16.64
CA LEU A 122 -6.42 -16.36 15.60
C LEU A 122 -6.94 -17.06 14.35
N LYS A 123 -6.43 -18.26 14.09
CA LYS A 123 -6.81 -19.03 12.91
C LYS A 123 -8.30 -19.20 12.63
N PRO A 124 -9.12 -19.42 13.66
CA PRO A 124 -10.54 -19.59 13.37
C PRO A 124 -11.27 -18.33 12.88
N ALA A 125 -10.99 -17.19 13.47
CA ALA A 125 -11.66 -15.95 13.05
C ALA A 125 -11.29 -15.72 11.59
N TYR A 126 -9.98 -15.84 11.31
CA TYR A 126 -9.44 -15.66 9.97
C TYR A 126 -10.21 -16.47 8.95
N LEU A 127 -10.29 -17.76 9.20
CA LEU A 127 -11.00 -18.70 8.32
C LEU A 127 -12.50 -18.41 8.27
N GLU A 128 -12.98 -17.69 9.26
CA GLU A 128 -14.39 -17.35 9.31
C GLU A 128 -14.56 -16.33 8.23
N GLN A 129 -13.46 -15.32 8.11
CA GLN A 129 -13.88 -14.38 7.07
C GLN A 129 -13.21 -14.72 5.74
N LEU A 130 -12.28 -15.71 5.56
CA LEU A 130 -11.72 -16.06 4.26
C LEU A 130 -12.72 -16.18 3.12
N PRO A 131 -13.65 -17.14 3.19
CA PRO A 131 -14.65 -17.34 2.14
C PRO A 131 -15.23 -16.10 1.53
N GLY A 132 -15.63 -15.14 2.36
CA GLY A 132 -16.21 -13.93 1.85
C GLY A 132 -15.25 -13.09 1.04
N LYS A 133 -13.97 -13.08 1.45
CA LYS A 133 -12.89 -12.33 0.79
C LYS A 133 -12.70 -12.92 -0.60
N LEU A 134 -12.72 -14.25 -0.66
CA LEU A 134 -12.57 -15.00 -1.90
C LEU A 134 -13.78 -14.81 -2.80
N ARG A 135 -14.97 -14.77 -2.23
CA ARG A 135 -16.16 -14.56 -3.04
C ARG A 135 -16.06 -13.19 -3.71
N GLN A 136 -15.51 -12.21 -3.00
CA GLN A 136 -15.35 -10.85 -3.53
C GLN A 136 -14.45 -10.82 -4.76
N LEU A 137 -13.29 -11.45 -4.65
CA LEU A 137 -12.36 -11.54 -5.74
C LEU A 137 -12.98 -12.30 -6.93
N SER A 138 -13.74 -13.35 -6.65
CA SER A 138 -14.37 -14.16 -7.70
C SER A 138 -15.41 -13.32 -8.45
N ARG A 139 -16.18 -12.54 -7.70
CA ARG A 139 -17.21 -11.66 -8.25
C ARG A 139 -16.56 -10.56 -9.09
N PHE A 140 -15.42 -10.03 -8.62
CA PHE A 140 -14.66 -8.99 -9.32
C PHE A 140 -14.14 -9.53 -10.65
N LEU A 141 -13.48 -10.68 -10.61
CA LEU A 141 -12.96 -11.31 -11.84
C LEU A 141 -14.10 -11.61 -12.81
N GLY A 142 -15.21 -12.11 -12.29
CA GLY A 142 -16.33 -12.44 -13.15
C GLY A 142 -15.91 -13.50 -14.14
N SER A 143 -16.17 -13.26 -15.41
CA SER A 143 -15.81 -14.20 -16.46
C SER A 143 -14.60 -13.73 -17.31
N ARG A 144 -13.93 -12.67 -16.87
CA ARG A 144 -12.78 -12.17 -17.60
C ARG A 144 -11.65 -13.15 -17.44
N SER A 145 -10.71 -13.12 -18.35
CA SER A 145 -9.58 -14.02 -18.30
C SER A 145 -8.60 -13.54 -17.27
N TRP A 146 -8.43 -12.22 -17.22
CA TRP A 146 -7.50 -11.56 -16.32
C TRP A 146 -8.29 -10.52 -15.52
N PHE A 147 -7.70 -10.07 -14.42
CA PHE A 147 -8.34 -9.13 -13.52
C PHE A 147 -8.73 -7.77 -14.05
N VAL A 148 -8.22 -7.40 -15.21
CA VAL A 148 -8.51 -6.12 -15.80
C VAL A 148 -9.30 -6.21 -17.10
N GLY A 149 -9.09 -7.30 -17.83
CA GLY A 149 -9.76 -7.55 -19.10
C GLY A 149 -9.13 -8.72 -19.83
N ASP A 150 -8.80 -8.55 -21.12
CA ASP A 150 -8.16 -9.59 -21.90
C ASP A 150 -6.66 -9.30 -21.80
N LYS A 151 -6.31 -8.17 -21.19
CA LYS A 151 -4.91 -7.81 -21.08
C LYS A 151 -4.37 -8.25 -19.72
N LEU A 152 -3.23 -8.92 -19.74
CA LEU A 152 -2.54 -9.42 -18.54
C LEU A 152 -1.76 -8.22 -17.99
N THR A 153 -1.79 -7.99 -16.69
CA THR A 153 -1.08 -6.86 -16.11
C THR A 153 -0.31 -7.30 -14.86
N PHE A 154 0.43 -6.39 -14.23
CA PHE A 154 1.19 -6.73 -13.04
C PHE A 154 0.23 -7.13 -11.91
N VAL A 155 -0.97 -6.60 -11.90
CA VAL A 155 -1.88 -7.00 -10.86
C VAL A 155 -2.30 -8.46 -10.99
N ASP A 156 -2.02 -9.10 -12.12
CA ASP A 156 -2.36 -10.52 -12.21
C ASP A 156 -1.31 -11.37 -11.51
N PHE A 157 -0.09 -10.87 -11.47
CA PHE A 157 1.02 -11.55 -10.80
C PHE A 157 0.82 -11.43 -9.29
N LEU A 158 0.29 -10.27 -8.88
CA LEU A 158 -0.03 -9.94 -7.48
C LEU A 158 -1.14 -10.88 -7.03
N ALA A 159 -2.24 -10.89 -7.79
CA ALA A 159 -3.39 -11.74 -7.52
C ALA A 159 -3.00 -13.22 -7.43
N TYR A 160 -2.10 -13.68 -8.29
CA TYR A 160 -1.69 -15.10 -8.28
C TYR A 160 -0.92 -15.42 -7.01
N ASP A 161 0.01 -14.55 -6.64
CA ASP A 161 0.76 -14.80 -5.45
C ASP A 161 -0.20 -14.90 -4.26
N VAL A 162 -0.90 -13.81 -3.97
CA VAL A 162 -1.86 -13.80 -2.88
C VAL A 162 -2.84 -15.01 -2.85
N LEU A 163 -3.34 -15.43 -4.02
CA LEU A 163 -4.28 -16.55 -4.08
C LEU A 163 -3.58 -17.88 -3.89
N ASP A 164 -2.39 -18.01 -4.46
CA ASP A 164 -1.62 -19.24 -4.34
C ASP A 164 -1.22 -19.42 -2.88
N GLN A 165 -1.05 -18.32 -2.15
CA GLN A 165 -0.70 -18.43 -0.74
C GLN A 165 -1.87 -18.98 0.04
N GLN A 166 -3.07 -18.45 -0.23
CA GLN A 166 -4.29 -18.90 0.44
C GLN A 166 -4.59 -20.34 0.08
N ARG A 167 -4.18 -20.75 -1.12
CA ARG A 167 -4.41 -22.11 -1.58
C ARG A 167 -3.46 -23.00 -0.80
N MET A 168 -2.32 -22.43 -0.43
CA MET A 168 -1.29 -23.14 0.31
C MET A 168 -1.81 -23.43 1.71
N PHE A 169 -2.34 -22.39 2.33
CA PHE A 169 -2.87 -22.45 3.67
C PHE A 169 -3.98 -23.47 3.79
N VAL A 170 -5.06 -23.30 3.01
CA VAL A 170 -6.19 -24.21 3.03
C VAL A 170 -6.49 -24.69 1.61
N PRO A 171 -5.82 -25.79 1.20
CA PRO A 171 -5.84 -26.49 -0.09
C PRO A 171 -7.16 -26.92 -0.72
N ASP A 172 -8.17 -27.17 0.09
CA ASP A 172 -9.45 -27.58 -0.45
C ASP A 172 -10.55 -26.65 0.01
N CYS A 173 -10.31 -25.37 -0.20
CA CYS A 173 -11.29 -24.37 0.18
C CYS A 173 -12.32 -24.30 -0.95
N PRO A 174 -13.61 -24.53 -0.63
CA PRO A 174 -14.63 -24.45 -1.69
C PRO A 174 -14.56 -23.18 -2.53
N GLU A 175 -14.45 -22.03 -1.88
CA GLU A 175 -14.41 -20.77 -2.61
C GLU A 175 -13.21 -20.68 -3.53
N LEU A 176 -12.17 -21.46 -3.25
CA LEU A 176 -10.98 -21.46 -4.09
C LEU A 176 -11.23 -22.13 -5.43
N GLN A 177 -12.21 -23.02 -5.49
CA GLN A 177 -12.55 -23.73 -6.72
C GLN A 177 -13.38 -22.79 -7.55
N GLY A 178 -13.52 -23.06 -8.84
CA GLY A 178 -14.34 -22.18 -9.66
C GLY A 178 -13.52 -21.32 -10.58
N ASN A 179 -13.94 -20.08 -10.81
CA ASN A 179 -13.19 -19.19 -11.68
C ASN A 179 -11.83 -18.84 -11.11
N LEU A 180 -11.72 -18.86 -9.77
CA LEU A 180 -10.46 -18.55 -9.11
C LEU A 180 -9.41 -19.60 -9.42
N SER A 181 -9.84 -20.86 -9.45
CA SER A 181 -8.94 -21.97 -9.77
C SER A 181 -8.49 -21.91 -11.23
N GLN A 182 -9.46 -21.71 -12.12
CA GLN A 182 -9.16 -21.62 -13.53
C GLN A 182 -8.20 -20.49 -13.76
N PHE A 183 -8.32 -19.42 -12.99
CA PHE A 183 -7.42 -18.28 -13.12
C PHE A 183 -6.00 -18.75 -12.81
N LEU A 184 -5.87 -19.48 -11.69
CA LEU A 184 -4.59 -20.00 -11.28
C LEU A 184 -4.00 -20.89 -12.38
N GLN A 185 -4.81 -21.80 -12.93
CA GLN A 185 -4.37 -22.70 -13.98
C GLN A 185 -4.01 -21.88 -15.23
N ARG A 186 -4.69 -20.75 -15.40
CA ARG A 186 -4.46 -19.89 -16.55
C ARG A 186 -3.12 -19.22 -16.42
N PHE A 187 -2.79 -18.79 -15.22
CA PHE A 187 -1.51 -18.14 -14.97
C PHE A 187 -0.34 -19.09 -15.10
N GLU A 188 -0.44 -20.25 -14.46
CA GLU A 188 0.65 -21.23 -14.51
C GLU A 188 0.89 -21.87 -15.89
N ALA A 189 -0.01 -21.68 -16.84
CA ALA A 189 0.17 -22.25 -18.17
C ALA A 189 0.85 -21.26 -19.12
N LEU A 190 1.10 -20.04 -18.66
CA LEU A 190 1.79 -19.05 -19.49
C LEU A 190 3.16 -19.66 -19.74
N GLU A 191 3.57 -19.67 -21.00
CA GLU A 191 4.84 -20.25 -21.44
C GLU A 191 6.07 -19.98 -20.61
N LYS A 192 6.44 -18.71 -20.45
CA LYS A 192 7.61 -18.41 -19.65
C LYS A 192 7.44 -18.73 -18.16
N ILE A 193 6.18 -18.81 -17.71
CA ILE A 193 5.85 -19.14 -16.33
C ILE A 193 5.96 -20.65 -16.12
N SER A 194 5.42 -21.42 -17.04
CA SER A 194 5.51 -22.87 -16.95
C SER A 194 6.99 -23.22 -16.94
N ALA A 195 7.73 -22.65 -17.88
CA ALA A 195 9.17 -22.90 -17.98
C ALA A 195 9.92 -22.50 -16.72
N TYR A 196 9.52 -21.39 -16.12
CA TYR A 196 10.15 -20.91 -14.88
C TYR A 196 9.87 -21.87 -13.73
N MET A 197 8.65 -22.38 -13.69
CA MET A 197 8.26 -23.28 -12.62
C MET A 197 8.93 -24.64 -12.71
N ARG A 198 9.37 -25.02 -13.90
CA ARG A 198 10.03 -26.31 -14.06
C ARG A 198 11.52 -26.16 -14.08
N SER A 199 11.99 -24.94 -13.83
CA SER A 199 13.40 -24.66 -13.79
C SER A 199 13.91 -24.91 -12.39
N GLY A 200 15.21 -24.68 -12.20
CA GLY A 200 15.79 -24.89 -10.89
C GLY A 200 15.93 -23.60 -10.12
N ARG A 201 15.34 -22.52 -10.63
CA ARG A 201 15.41 -21.22 -9.96
C ARG A 201 14.18 -20.92 -9.12
N PHE A 202 13.05 -21.51 -9.53
CA PHE A 202 11.75 -21.33 -8.88
C PHE A 202 11.69 -21.83 -7.43
N MET A 203 11.19 -20.98 -6.53
CA MET A 203 11.04 -21.38 -5.14
C MET A 203 9.60 -21.13 -4.70
N LYS A 204 8.87 -22.22 -4.53
CA LYS A 204 7.48 -22.15 -4.13
C LYS A 204 7.34 -21.81 -2.66
N ALA A 205 8.36 -22.12 -1.87
CA ALA A 205 8.32 -21.86 -0.43
C ALA A 205 9.73 -21.77 0.14
N PRO A 206 9.88 -21.31 1.39
CA PRO A 206 8.82 -20.88 2.31
C PRO A 206 8.25 -19.50 1.99
N ILE A 207 7.00 -19.30 2.38
CA ILE A 207 6.29 -18.06 2.15
C ILE A 207 6.85 -16.95 3.05
N PHE A 208 7.04 -17.26 4.33
CA PHE A 208 7.52 -16.28 5.30
C PHE A 208 8.92 -16.50 5.88
N TRP A 209 9.40 -15.47 6.59
CA TRP A 209 10.71 -15.52 7.21
C TRP A 209 10.68 -16.66 8.23
N TYR A 210 11.86 -17.11 8.65
CA TYR A 210 12.02 -18.23 9.59
C TYR A 210 11.40 -18.14 10.98
N THR A 211 10.98 -16.94 11.37
CA THR A 211 10.36 -16.72 12.67
C THR A 211 8.85 -16.97 12.63
N ALA A 212 8.30 -17.21 11.44
CA ALA A 212 6.87 -17.44 11.28
C ALA A 212 6.42 -18.81 11.76
N LEU A 213 5.28 -18.84 12.43
CA LEU A 213 4.72 -20.08 12.93
C LEU A 213 4.23 -20.96 11.77
N TRP A 214 3.62 -20.34 10.76
CA TRP A 214 3.15 -21.10 9.61
C TRP A 214 4.03 -20.87 8.37
N ASN A 215 4.58 -21.97 7.88
CA ASN A 215 5.48 -22.02 6.71
C ASN A 215 6.70 -21.08 6.70
N ASN A 216 7.79 -21.62 7.24
CA ASN A 216 9.09 -20.97 7.36
C ASN A 216 10.13 -22.01 6.91
N LYS A 217 9.63 -23.17 6.49
CA LYS A 217 10.45 -24.30 6.06
C LYS A 217 10.96 -24.09 4.63
N VAL B 1 -21.68 15.46 -8.94
CA VAL B 1 -21.14 15.62 -7.57
C VAL B 1 -20.65 14.26 -7.15
N VAL B 2 -19.41 14.19 -6.71
CA VAL B 2 -18.87 12.92 -6.28
C VAL B 2 -19.21 12.84 -4.81
N THR B 3 -19.44 11.63 -4.30
CA THR B 3 -19.70 11.48 -2.87
C THR B 3 -18.57 10.68 -2.22
N LEU B 4 -17.94 11.32 -1.25
CA LEU B 4 -16.85 10.76 -0.49
C LEU B 4 -17.44 10.30 0.84
N GLY B 5 -17.28 9.02 1.17
CA GLY B 5 -17.78 8.48 2.42
C GLY B 5 -16.62 8.11 3.30
N TYR B 6 -16.79 8.27 4.61
CA TYR B 6 -15.76 7.98 5.60
C TYR B 6 -16.30 8.41 6.98
N TRP B 7 -15.61 8.01 8.05
CA TRP B 7 -16.04 8.38 9.40
C TRP B 7 -15.92 9.89 9.57
N ASP B 8 -16.64 10.44 10.54
CA ASP B 8 -16.58 11.86 10.79
C ASP B 8 -15.35 12.26 11.60
N ILE B 9 -14.18 12.05 11.04
CA ILE B 9 -12.91 12.38 11.66
C ILE B 9 -11.96 12.65 10.51
N ARG B 10 -10.72 13.03 10.80
CA ARG B 10 -9.75 13.29 9.74
C ARG B 10 -9.27 11.97 9.12
N GLY B 11 -8.76 11.07 9.96
CA GLY B 11 -8.26 9.78 9.50
C GLY B 11 -7.56 9.73 8.15
N LEU B 12 -7.84 8.65 7.40
CA LEU B 12 -7.30 8.40 6.07
C LEU B 12 -7.89 9.22 4.91
N ALA B 13 -8.92 10.02 5.17
CA ALA B 13 -9.53 10.83 4.12
C ALA B 13 -8.99 12.26 4.02
N HIS B 14 -8.00 12.59 4.85
CA HIS B 14 -7.47 13.95 4.82
C HIS B 14 -6.89 14.33 3.46
N ALA B 15 -5.97 13.53 2.95
CA ALA B 15 -5.33 13.79 1.66
C ALA B 15 -6.34 13.96 0.52
N ILE B 16 -7.40 13.13 0.52
CA ILE B 16 -8.48 13.14 -0.48
C ILE B 16 -9.28 14.46 -0.42
N ARG B 17 -9.72 14.85 0.77
CA ARG B 17 -10.46 16.09 0.93
C ARG B 17 -9.66 17.28 0.45
N LEU B 18 -8.36 17.29 0.73
CA LEU B 18 -7.49 18.37 0.29
C LEU B 18 -7.34 18.32 -1.23
N LEU B 19 -7.20 17.13 -1.80
CA LEU B 19 -7.05 17.02 -3.26
C LEU B 19 -8.30 17.49 -3.96
N LEU B 20 -9.46 17.12 -3.43
CA LEU B 20 -10.74 17.53 -3.99
C LEU B 20 -10.91 19.04 -3.90
N GLU B 21 -10.59 19.60 -2.75
CA GLU B 21 -10.69 21.05 -2.53
C GLU B 21 -9.79 21.81 -3.48
N TYR B 22 -8.53 21.41 -3.56
CA TYR B 22 -7.57 22.04 -4.46
C TYR B 22 -8.03 21.86 -5.94
N THR B 23 -8.46 20.67 -6.32
CA THR B 23 -8.89 20.48 -7.70
C THR B 23 -10.21 21.16 -8.00
N GLU B 24 -10.90 21.64 -6.97
CA GLU B 24 -12.18 22.29 -7.16
C GLU B 24 -13.21 21.31 -7.69
N THR B 25 -13.09 20.07 -7.28
CA THR B 25 -14.07 19.08 -7.70
C THR B 25 -15.30 19.29 -6.84
N PRO B 26 -16.47 19.33 -7.48
CA PRO B 26 -17.63 19.52 -6.60
C PRO B 26 -17.89 18.20 -5.85
N TYR B 27 -18.03 18.25 -4.53
CA TYR B 27 -18.30 17.02 -3.80
C TYR B 27 -19.29 17.12 -2.64
N GLN B 28 -19.57 15.97 -2.06
CA GLN B 28 -20.52 15.80 -0.97
C GLN B 28 -19.90 14.79 -0.05
N GLU B 29 -20.25 14.81 1.23
CA GLU B 29 -19.71 13.82 2.16
C GLU B 29 -20.74 13.02 2.95
N ARG B 30 -20.52 11.73 3.02
CA ARG B 30 -21.38 10.88 3.81
C ARG B 30 -20.49 10.47 4.98
N ARG B 31 -20.60 11.26 6.06
CA ARG B 31 -19.84 11.01 7.27
C ARG B 31 -20.55 9.95 8.05
N TYR B 32 -19.82 8.93 8.45
CA TYR B 32 -20.47 7.89 9.23
C TYR B 32 -20.14 8.22 10.67
N LYS B 33 -21.14 8.10 11.53
CA LYS B 33 -20.96 8.41 12.93
C LYS B 33 -20.97 7.18 13.82
N ALA B 34 -20.15 7.24 14.88
CA ALA B 34 -20.05 6.14 15.82
C ALA B 34 -21.02 6.36 17.00
N GLY B 35 -21.56 5.26 17.51
CA GLY B 35 -22.49 5.32 18.63
C GLY B 35 -21.85 5.90 19.88
N PRO B 36 -22.62 6.09 20.96
CA PRO B 36 -22.05 6.65 22.19
C PRO B 36 -21.01 5.73 22.83
N ALA B 37 -20.23 6.29 23.76
CA ALA B 37 -19.16 5.59 24.46
C ALA B 37 -19.64 4.59 25.52
N PRO B 38 -18.84 3.53 25.76
CA PRO B 38 -17.57 3.23 25.10
C PRO B 38 -17.85 2.35 23.90
N ASP B 39 -19.12 2.02 23.74
CA ASP B 39 -19.61 1.16 22.69
C ASP B 39 -19.00 1.48 21.32
N PHE B 40 -19.14 2.74 20.91
CA PHE B 40 -18.64 3.21 19.62
C PHE B 40 -19.18 2.35 18.50
N ASP B 41 -20.38 1.83 18.69
CA ASP B 41 -21.01 0.97 17.71
C ASP B 41 -21.00 1.63 16.32
N PRO B 42 -20.31 1.01 15.37
CA PRO B 42 -20.28 1.60 14.03
C PRO B 42 -21.37 1.04 13.13
N SER B 43 -22.58 0.86 13.64
CA SER B 43 -23.64 0.32 12.79
C SER B 43 -24.10 1.30 11.71
N ASP B 44 -23.75 2.58 11.85
CA ASP B 44 -24.14 3.56 10.84
C ASP B 44 -23.53 3.16 9.51
N TRP B 45 -22.37 2.53 9.57
CA TRP B 45 -21.63 2.11 8.38
C TRP B 45 -22.04 0.73 7.90
N THR B 46 -21.95 -0.25 8.79
CA THR B 46 -22.28 -1.62 8.45
C THR B 46 -23.68 -1.78 7.89
N ASN B 47 -24.58 -0.88 8.30
CA ASN B 47 -25.95 -0.87 7.81
C ASN B 47 -25.93 -0.68 6.27
N GLU B 48 -25.15 0.29 5.79
CA GLU B 48 -25.03 0.61 4.36
C GLU B 48 -23.98 -0.15 3.61
N LYS B 49 -22.95 -0.58 4.33
CA LYS B 49 -21.80 -1.31 3.81
C LYS B 49 -21.95 -2.17 2.55
N GLU B 50 -22.87 -3.12 2.55
CA GLU B 50 -23.04 -3.97 1.38
C GLU B 50 -24.17 -3.51 0.45
N LYS B 51 -24.71 -2.31 0.69
CA LYS B 51 -25.80 -1.79 -0.15
C LYS B 51 -25.38 -0.69 -1.13
N LEU B 52 -24.09 -0.38 -1.19
CA LEU B 52 -23.60 0.68 -2.06
C LEU B 52 -23.16 0.30 -3.46
N GLY B 53 -23.01 -0.99 -3.72
CA GLY B 53 -22.57 -1.40 -5.04
C GLY B 53 -21.06 -1.26 -5.21
N LEU B 54 -20.34 -1.35 -4.10
CA LEU B 54 -18.89 -1.25 -4.14
C LEU B 54 -18.36 -2.66 -4.28
N ASP B 55 -17.28 -2.82 -5.06
CA ASP B 55 -16.68 -4.12 -5.30
C ASP B 55 -16.04 -4.68 -4.05
N PHE B 56 -15.26 -3.84 -3.37
CA PHE B 56 -14.58 -4.23 -2.14
C PHE B 56 -14.98 -3.19 -1.13
N PRO B 57 -16.12 -3.40 -0.45
CA PRO B 57 -16.68 -2.50 0.56
C PRO B 57 -15.66 -2.05 1.60
N ASN B 58 -15.52 -0.74 1.75
CA ASN B 58 -14.55 -0.20 2.69
C ASN B 58 -14.62 1.31 2.76
N LEU B 59 -13.99 1.90 3.77
CA LEU B 59 -13.96 3.36 3.93
C LEU B 59 -12.51 3.84 3.85
N PRO B 60 -12.22 4.94 3.11
CA PRO B 60 -13.13 5.79 2.34
C PRO B 60 -13.51 5.18 1.00
N TYR B 61 -14.57 5.72 0.43
CA TYR B 61 -15.03 5.27 -0.87
C TYR B 61 -15.34 6.54 -1.66
N LEU B 62 -15.35 6.45 -2.99
CA LEU B 62 -15.64 7.62 -3.82
C LEU B 62 -16.60 7.18 -4.90
N ILE B 63 -17.75 7.84 -4.98
CA ILE B 63 -18.74 7.53 -6.01
C ILE B 63 -18.92 8.71 -6.96
N ASP B 64 -18.64 8.46 -8.22
CA ASP B 64 -18.75 9.47 -9.24
C ASP B 64 -19.54 8.85 -10.38
N GLY B 65 -20.87 8.91 -10.27
CA GLY B 65 -21.70 8.30 -11.27
C GLY B 65 -21.52 6.79 -11.23
N ASP B 66 -21.12 6.22 -12.35
CA ASP B 66 -20.91 4.77 -12.44
C ASP B 66 -19.55 4.35 -11.92
N VAL B 67 -18.73 5.30 -11.49
CA VAL B 67 -17.39 5.02 -10.94
C VAL B 67 -17.52 4.86 -9.42
N LYS B 68 -17.11 3.72 -8.88
CA LYS B 68 -17.20 3.51 -7.43
C LYS B 68 -15.89 2.90 -6.91
N LEU B 69 -15.13 3.67 -6.15
CA LEU B 69 -13.83 3.24 -5.63
C LEU B 69 -13.77 3.09 -4.09
N THR B 70 -12.84 2.27 -3.59
CA THR B 70 -12.68 2.08 -2.13
C THR B 70 -11.30 2.18 -1.46
N GLN B 71 -10.22 2.12 -2.21
CA GLN B 71 -8.92 2.23 -1.56
C GLN B 71 -8.45 3.68 -1.65
N SER B 72 -8.00 4.27 -0.56
CA SER B 72 -7.56 5.69 -0.52
C SER B 72 -6.61 6.09 -1.64
N ASN B 73 -5.51 5.35 -1.81
CA ASN B 73 -4.56 5.65 -2.89
C ASN B 73 -5.18 5.63 -4.30
N ALA B 74 -6.02 4.64 -4.57
CA ALA B 74 -6.69 4.50 -5.84
C ALA B 74 -7.63 5.69 -6.04
N ILE B 75 -8.30 6.12 -4.97
CA ILE B 75 -9.20 7.27 -5.04
C ILE B 75 -8.36 8.50 -5.34
N LEU B 76 -7.19 8.62 -4.73
CA LEU B 76 -6.31 9.75 -4.97
C LEU B 76 -5.83 9.76 -6.42
N ARG B 77 -5.47 8.58 -6.95
CA ARG B 77 -5.00 8.49 -8.34
C ARG B 77 -6.05 8.80 -9.37
N TYR B 78 -7.28 8.36 -9.09
CA TYR B 78 -8.43 8.58 -9.93
C TYR B 78 -8.57 10.07 -10.14
N ILE B 79 -8.57 10.83 -9.06
CA ILE B 79 -8.68 12.31 -9.12
C ILE B 79 -7.47 12.91 -9.83
N ALA B 80 -6.29 12.46 -9.42
CA ALA B 80 -5.01 12.95 -9.94
C ALA B 80 -4.87 12.83 -11.47
N ARG B 81 -5.31 11.72 -12.05
CA ARG B 81 -5.22 11.52 -13.48
C ARG B 81 -6.02 12.57 -14.23
N LYS B 82 -7.19 12.93 -13.68
CA LYS B 82 -8.04 13.95 -14.30
C LYS B 82 -7.40 15.34 -14.35
N HIS B 83 -6.32 15.54 -13.61
CA HIS B 83 -5.70 16.85 -13.58
C HIS B 83 -4.20 16.81 -13.79
N ASN B 84 -3.69 15.73 -14.37
CA ASN B 84 -2.26 15.59 -14.65
C ASN B 84 -1.42 15.70 -13.35
N MET B 85 -1.89 15.03 -12.30
CA MET B 85 -1.21 15.10 -11.01
C MET B 85 -0.50 13.82 -10.57
N CYS B 86 -0.17 13.00 -11.55
CA CYS B 86 0.59 11.78 -11.35
C CYS B 86 1.96 12.16 -11.99
N GLY B 87 2.81 11.23 -12.41
CA GLY B 87 4.06 11.69 -12.99
C GLY B 87 3.94 11.86 -14.50
N GLU B 88 4.77 12.67 -15.13
CA GLU B 88 4.67 12.81 -16.59
C GLU B 88 5.87 12.26 -17.34
N THR B 89 6.86 11.76 -16.58
CA THR B 89 8.07 11.19 -17.14
C THR B 89 8.37 9.95 -16.31
N GLU B 90 9.27 9.11 -16.79
CA GLU B 90 9.64 7.89 -16.12
C GLU B 90 10.21 8.16 -14.73
N VAL B 91 11.13 9.11 -14.64
CA VAL B 91 11.75 9.44 -13.36
C VAL B 91 10.71 9.95 -12.38
N GLU B 92 9.78 10.80 -12.82
CA GLU B 92 8.72 11.31 -11.96
C GLU B 92 7.76 10.20 -11.54
N LYS B 93 7.46 9.27 -12.45
CA LYS B 93 6.56 8.17 -12.06
C LYS B 93 7.20 7.32 -10.99
N GLN B 94 8.52 7.10 -11.07
CA GLN B 94 9.25 6.30 -10.08
C GLN B 94 9.17 6.99 -8.71
N ARG B 95 9.43 8.30 -8.67
CA ARG B 95 9.34 9.02 -7.41
C ARG B 95 7.91 8.92 -6.89
N VAL B 96 6.93 8.99 -7.78
CA VAL B 96 5.53 8.92 -7.38
C VAL B 96 5.23 7.57 -6.77
N ASP B 97 5.63 6.50 -7.44
CA ASP B 97 5.35 5.16 -6.93
C ASP B 97 6.03 4.76 -5.66
N VAL B 98 7.32 5.09 -5.52
CA VAL B 98 8.09 4.79 -4.31
C VAL B 98 7.57 5.60 -3.11
N LEU B 99 7.27 6.86 -3.35
CA LEU B 99 6.75 7.72 -2.30
C LEU B 99 5.36 7.33 -1.82
N GLU B 100 4.48 7.03 -2.75
CA GLU B 100 3.13 6.66 -2.42
C GLU B 100 3.13 5.46 -1.50
N ASN B 101 4.09 4.57 -1.75
CA ASN B 101 4.22 3.35 -0.97
C ASN B 101 4.98 3.53 0.34
N HIS B 102 6.06 4.31 0.33
CA HIS B 102 6.82 4.55 1.54
C HIS B 102 5.99 5.38 2.54
N LEU B 103 5.18 6.29 2.04
CA LEU B 103 4.37 7.10 2.93
C LEU B 103 3.26 6.28 3.57
N MET B 104 2.87 5.16 2.95
CA MET B 104 1.85 4.31 3.54
C MET B 104 2.53 3.50 4.67
N ASP B 105 3.80 3.12 4.46
CA ASP B 105 4.56 2.40 5.47
C ASP B 105 4.73 3.29 6.69
N LEU B 106 4.94 4.57 6.44
CA LEU B 106 5.15 5.55 7.49
C LEU B 106 3.90 5.82 8.32
N ARG B 107 2.79 5.99 7.65
CA ARG B 107 1.50 6.23 8.27
C ARG B 107 1.03 5.10 9.15
N MET B 108 1.18 3.88 8.66
CA MET B 108 0.77 2.68 9.41
C MET B 108 1.62 2.35 10.64
N ALA B 109 2.91 2.59 10.56
CA ALA B 109 3.77 2.35 11.73
C ALA B 109 3.31 3.31 12.82
N PHE B 110 2.82 4.47 12.41
CA PHE B 110 2.31 5.50 13.32
C PHE B 110 0.90 5.21 13.84
N ALA B 111 0.03 4.63 13.01
CA ALA B 111 -1.33 4.28 13.45
C ALA B 111 -1.26 3.11 14.44
N ARG B 112 -0.28 2.24 14.23
CA ARG B 112 -0.04 1.08 15.09
C ARG B 112 0.38 1.50 16.50
N LEU B 113 1.37 2.37 16.57
CA LEU B 113 1.84 2.90 17.83
C LEU B 113 0.65 3.50 18.58
N CYS B 114 0.04 4.50 17.97
CA CYS B 114 -1.08 5.22 18.56
C CYS B 114 -2.37 4.45 18.82
N TYR B 115 -2.51 3.25 18.26
CA TYR B 115 -3.70 2.43 18.47
C TYR B 115 -3.41 1.28 19.42
N SER B 116 -2.14 1.00 19.65
CA SER B 116 -1.73 -0.08 20.55
C SER B 116 -1.95 0.27 22.03
N PRO B 117 -2.37 -0.71 22.84
CA PRO B 117 -2.58 -0.42 24.27
C PRO B 117 -1.22 -0.31 24.99
N ASP B 118 -0.16 -0.51 24.22
CA ASP B 118 1.18 -0.45 24.74
C ASP B 118 1.87 0.84 24.34
N PHE B 119 1.08 1.76 23.78
CA PHE B 119 1.56 3.04 23.32
C PHE B 119 2.73 3.63 24.13
N GLU B 120 2.44 4.04 25.37
CA GLU B 120 3.43 4.66 26.27
C GLU B 120 4.77 3.91 26.40
N LYS B 121 4.76 2.60 26.23
CA LYS B 121 6.00 1.86 26.33
C LYS B 121 6.68 1.69 24.96
N LEU B 122 5.90 1.87 23.90
CA LEU B 122 6.39 1.76 22.53
C LEU B 122 6.90 3.12 22.09
N LYS B 123 6.26 4.17 22.58
CA LYS B 123 6.60 5.55 22.26
C LYS B 123 8.09 5.89 22.18
N PRO B 124 8.91 5.45 23.17
CA PRO B 124 10.35 5.77 23.12
C PRO B 124 11.08 5.28 21.87
N ALA B 125 10.95 3.99 21.56
CA ALA B 125 11.60 3.42 20.38
C ALA B 125 11.13 4.13 19.12
N TYR B 126 9.84 4.43 19.03
CA TYR B 126 9.32 5.12 17.86
C TYR B 126 10.04 6.46 17.69
N LEU B 127 10.14 7.21 18.79
CA LEU B 127 10.82 8.50 18.72
C LEU B 127 12.28 8.32 18.37
N GLU B 128 12.95 7.36 18.99
CA GLU B 128 14.38 7.14 18.72
C GLU B 128 14.68 6.92 17.24
N GLN B 129 13.65 6.23 16.42
CA GLN B 129 13.81 5.94 14.98
C GLN B 129 13.41 7.17 14.16
N LEU B 130 12.49 8.13 14.62
CA LEU B 130 11.89 9.18 13.80
C LEU B 130 12.88 10.05 13.07
N PRO B 131 13.82 10.70 13.79
CA PRO B 131 14.79 11.57 13.12
C PRO B 131 15.43 11.00 11.86
N GLY B 132 15.61 9.69 11.81
CA GLY B 132 16.21 9.08 10.64
C GLY B 132 15.25 9.07 9.45
N LYS B 133 14.00 8.74 9.74
CA LYS B 133 12.92 8.70 8.75
C LYS B 133 12.68 10.09 8.16
N LEU B 134 12.69 11.11 9.02
CA LEU B 134 12.49 12.48 8.60
C LEU B 134 13.66 12.94 7.73
N ARG B 135 14.88 12.64 8.17
CA ARG B 135 16.07 13.01 7.43
C ARG B 135 16.06 12.44 6.02
N GLN B 136 15.63 11.19 5.91
CA GLN B 136 15.52 10.47 4.63
C GLN B 136 14.57 11.20 3.69
N LEU B 137 13.43 11.61 4.24
CA LEU B 137 12.39 12.33 3.51
C LEU B 137 12.95 13.70 3.07
N SER B 138 13.77 14.29 3.94
CA SER B 138 14.42 15.58 3.68
C SER B 138 15.49 15.49 2.59
N ARG B 139 16.27 14.41 2.59
CA ARG B 139 17.30 14.22 1.58
C ARG B 139 16.61 14.10 0.23
N PHE B 140 15.57 13.28 0.18
CA PHE B 140 14.80 13.06 -1.03
C PHE B 140 14.31 14.34 -1.67
N LEU B 141 13.55 15.14 -0.91
CA LEU B 141 13.02 16.43 -1.39
C LEU B 141 14.08 17.45 -1.85
N GLY B 142 15.17 17.53 -1.12
CA GLY B 142 16.25 18.43 -1.49
C GLY B 142 15.75 19.83 -1.74
N SER B 143 16.32 20.53 -2.71
CA SER B 143 15.86 21.87 -2.96
C SER B 143 14.63 21.99 -3.87
N ARG B 144 13.91 20.88 -4.08
CA ARG B 144 12.69 20.90 -4.91
C ARG B 144 11.58 21.65 -4.19
N SER B 145 10.59 22.10 -4.95
CA SER B 145 9.46 22.81 -4.35
C SER B 145 8.49 21.70 -3.95
N TRP B 146 8.42 20.68 -4.80
CA TRP B 146 7.53 19.55 -4.53
C TRP B 146 8.33 18.26 -4.53
N PHE B 147 7.72 17.18 -4.05
CA PHE B 147 8.43 15.92 -3.99
C PHE B 147 8.79 15.34 -5.34
N VAL B 148 7.89 15.46 -6.30
CA VAL B 148 8.17 14.93 -7.61
C VAL B 148 9.02 15.88 -8.47
N GLY B 149 8.85 17.20 -8.27
CA GLY B 149 9.60 18.18 -9.03
C GLY B 149 9.12 19.61 -8.85
N ASP B 150 8.90 20.32 -9.97
CA ASP B 150 8.43 21.70 -9.86
C ASP B 150 6.91 21.76 -10.09
N LYS B 151 6.32 20.57 -10.24
CA LYS B 151 4.89 20.44 -10.46
C LYS B 151 4.29 19.60 -9.32
N LEU B 152 3.22 20.10 -8.73
CA LEU B 152 2.53 19.44 -7.65
C LEU B 152 1.75 18.21 -8.19
N THR B 153 1.93 17.08 -7.51
CA THR B 153 1.27 15.80 -7.82
C THR B 153 0.46 15.40 -6.58
N PHE B 154 -0.21 14.24 -6.60
CA PHE B 154 -1.02 13.81 -5.45
C PHE B 154 -0.19 13.26 -4.31
N VAL B 155 1.07 12.97 -4.56
CA VAL B 155 1.95 12.43 -3.56
C VAL B 155 2.36 13.49 -2.54
N ASP B 156 2.17 14.77 -2.90
CA ASP B 156 2.48 15.89 -2.04
C ASP B 156 1.37 16.11 -1.02
N PHE B 157 0.17 15.66 -1.40
CA PHE B 157 -1.02 15.72 -0.54
C PHE B 157 -0.88 14.61 0.52
N LEU B 158 -0.18 13.53 0.16
CA LEU B 158 0.09 12.43 1.08
C LEU B 158 1.16 12.83 2.08
N ALA B 159 2.28 13.33 1.54
CA ALA B 159 3.45 13.75 2.30
C ALA B 159 3.06 14.85 3.28
N TYR B 160 2.23 15.80 2.81
CA TYR B 160 1.76 16.87 3.69
C TYR B 160 1.03 16.30 4.89
N ASP B 161 0.18 15.32 4.66
CA ASP B 161 -0.62 14.68 5.71
C ASP B 161 0.19 13.80 6.68
N VAL B 162 1.02 12.91 6.14
CA VAL B 162 1.87 12.07 6.98
C VAL B 162 2.76 12.97 7.83
N LEU B 163 3.32 14.02 7.23
CA LEU B 163 4.22 14.96 7.91
C LEU B 163 3.49 15.83 8.94
N ASP B 164 2.32 16.35 8.56
CA ASP B 164 1.50 17.17 9.43
C ASP B 164 1.21 16.38 10.71
N GLN B 165 1.00 15.07 10.56
CA GLN B 165 0.73 14.23 11.71
C GLN B 165 1.89 14.24 12.69
N GLN B 166 3.11 14.12 12.16
CA GLN B 166 4.32 14.09 12.98
C GLN B 166 4.59 15.42 13.67
N ARG B 167 4.28 16.51 12.98
CA ARG B 167 4.46 17.85 13.53
C ARG B 167 3.59 17.98 14.79
N MET B 168 2.43 17.33 14.78
CA MET B 168 1.50 17.37 15.89
C MET B 168 1.84 16.47 17.09
N PHE B 169 2.61 15.42 16.84
CA PHE B 169 3.02 14.44 17.84
C PHE B 169 4.38 14.78 18.44
N VAL B 170 5.09 15.72 17.83
CA VAL B 170 6.42 16.10 18.29
C VAL B 170 6.83 17.38 17.55
N PRO B 171 6.16 18.49 17.87
CA PRO B 171 6.41 19.80 17.25
C PRO B 171 7.86 20.23 17.36
N ASP B 172 8.47 19.89 18.49
CA ASP B 172 9.85 20.25 18.80
C ASP B 172 10.94 19.39 18.14
N CYS B 173 10.61 18.73 17.04
CA CYS B 173 11.58 17.89 16.34
C CYS B 173 12.49 18.73 15.44
N PRO B 174 13.81 18.61 15.61
CA PRO B 174 14.78 19.36 14.82
C PRO B 174 14.73 18.96 13.35
N GLU B 175 14.57 17.66 13.12
CA GLU B 175 14.48 17.11 11.76
C GLU B 175 13.40 17.77 10.93
N LEU B 176 12.33 18.19 11.61
CA LEU B 176 11.20 18.82 10.98
C LEU B 176 11.41 20.33 10.82
N GLN B 177 12.58 20.81 11.20
CA GLN B 177 12.91 22.23 11.04
C GLN B 177 13.91 22.21 9.91
N GLY B 178 13.50 22.74 8.76
CA GLY B 178 14.37 22.74 7.61
C GLY B 178 13.56 22.87 6.33
N ASN B 179 13.87 22.08 5.32
CA ASN B 179 13.13 22.20 4.07
C ASN B 179 11.81 21.51 4.18
N LEU B 180 11.72 20.53 5.07
CA LEU B 180 10.46 19.82 5.24
C LEU B 180 9.39 20.81 5.74
N SER B 181 9.79 21.69 6.66
CA SER B 181 8.91 22.71 7.24
C SER B 181 8.55 23.81 6.21
N GLN B 182 9.47 24.08 5.29
CA GLN B 182 9.24 25.07 4.24
C GLN B 182 8.18 24.49 3.31
N PHE B 183 8.24 23.17 3.10
CA PHE B 183 7.30 22.45 2.23
C PHE B 183 5.88 22.55 2.77
N LEU B 184 5.71 22.26 4.06
CA LEU B 184 4.38 22.31 4.71
C LEU B 184 3.86 23.73 4.64
N GLN B 185 4.78 24.67 4.89
CA GLN B 185 4.55 26.11 4.87
C GLN B 185 4.13 26.51 3.45
N ARG B 186 4.72 25.85 2.47
CA ARG B 186 4.41 26.16 1.09
C ARG B 186 3.08 25.55 0.70
N PHE B 187 2.85 24.32 1.13
CA PHE B 187 1.61 23.61 0.82
C PHE B 187 0.41 24.40 1.36
N GLU B 188 0.54 24.87 2.59
CA GLU B 188 -0.51 25.63 3.25
C GLU B 188 -0.81 27.03 2.70
N ALA B 189 0.09 27.55 1.87
CA ALA B 189 -0.06 28.88 1.26
C ALA B 189 -0.73 28.84 -0.12
N LEU B 190 -1.01 27.64 -0.63
CA LEU B 190 -1.66 27.47 -1.91
C LEU B 190 -3.10 28.01 -1.82
N GLU B 191 -3.48 28.81 -2.80
CA GLU B 191 -4.80 29.42 -2.90
C GLU B 191 -6.01 28.63 -2.41
N LYS B 192 -6.26 27.47 -2.99
CA LYS B 192 -7.42 26.68 -2.58
C LYS B 192 -7.20 25.93 -1.28
N ILE B 193 -5.96 25.63 -0.95
CA ILE B 193 -5.67 24.93 0.29
C ILE B 193 -5.94 25.87 1.46
N SER B 194 -5.37 27.08 1.40
CA SER B 194 -5.53 28.04 2.48
C SER B 194 -7.00 28.45 2.59
N ALA B 195 -7.63 28.66 1.44
CA ALA B 195 -9.04 29.04 1.38
C ALA B 195 -9.85 27.98 2.11
N TYR B 196 -9.35 26.76 2.05
CA TYR B 196 -9.96 25.62 2.68
C TYR B 196 -9.73 25.55 4.18
N MET B 197 -8.47 25.67 4.59
CA MET B 197 -8.13 25.55 6.00
C MET B 197 -8.77 26.58 6.90
N ARG B 198 -9.36 27.61 6.30
CA ARG B 198 -10.02 28.66 7.08
C ARG B 198 -11.53 28.52 7.05
N SER B 199 -12.01 27.58 6.24
CA SER B 199 -13.42 27.34 6.13
C SER B 199 -13.88 26.64 7.39
N GLY B 200 -15.20 26.51 7.52
CA GLY B 200 -15.77 25.87 8.69
C GLY B 200 -15.71 24.37 8.62
N ARG B 201 -15.67 23.82 7.42
CA ARG B 201 -15.64 22.37 7.27
C ARG B 201 -14.29 21.72 7.55
N PHE B 202 -13.21 22.48 7.48
CA PHE B 202 -11.88 21.96 7.71
C PHE B 202 -11.76 21.37 9.12
N MET B 203 -11.20 20.18 9.22
CA MET B 203 -11.01 19.55 10.53
C MET B 203 -9.61 18.92 10.65
N LYS B 204 -8.80 19.46 11.56
CA LYS B 204 -7.45 18.94 11.76
C LYS B 204 -7.44 17.83 12.79
N ALA B 205 -8.61 17.50 13.37
CA ALA B 205 -8.69 16.45 14.38
C ALA B 205 -10.10 15.88 14.48
N PRO B 206 -10.21 14.64 14.96
CA PRO B 206 -9.10 13.79 15.37
C PRO B 206 -8.47 13.05 14.20
N ILE B 207 -7.20 12.66 14.36
CA ILE B 207 -6.50 11.92 13.31
C ILE B 207 -6.91 10.45 13.38
N PHE B 208 -7.15 9.96 14.58
CA PHE B 208 -7.50 8.55 14.74
C PHE B 208 -8.89 8.34 15.28
N TRP B 209 -9.27 7.06 15.33
CA TRP B 209 -10.57 6.63 15.82
C TRP B 209 -10.63 6.91 17.33
N TYR B 210 -11.83 6.91 17.90
CA TYR B 210 -11.98 7.20 19.32
C TYR B 210 -11.25 6.24 20.25
N THR B 211 -10.96 5.04 19.77
CA THR B 211 -10.29 4.05 20.58
C THR B 211 -8.76 4.18 20.73
N ALA B 212 -8.16 5.13 20.00
CA ALA B 212 -6.72 5.35 20.04
C ALA B 212 -6.19 5.98 21.34
N LEU B 213 -4.95 5.65 21.70
CA LEU B 213 -4.30 6.19 22.89
C LEU B 213 -3.63 7.56 22.68
N TRP B 214 -3.83 8.16 21.50
CA TRP B 214 -3.22 9.46 21.24
C TRP B 214 -4.08 10.26 20.28
N ASN B 215 -4.39 11.50 20.65
CA ASN B 215 -5.19 12.42 19.82
C ASN B 215 -6.48 11.84 19.21
N ASN B 216 -7.59 12.26 19.79
CA ASN B 216 -8.93 11.88 19.37
C ASN B 216 -9.84 13.04 19.81
N LYS B 217 -11.14 12.82 19.87
CA LYS B 217 -12.06 13.91 20.23
C LYS B 217 -13.19 13.46 21.16
#